data_5OVX
#
_entry.id   5OVX
#
_cell.length_a   52.117
_cell.length_b   64.124
_cell.length_c   100.338
_cell.angle_alpha   90.000
_cell.angle_beta   90.000
_cell.angle_gamma   90.000
#
_symmetry.space_group_name_H-M   'P 21 21 21'
#
loop_
_entity.id
_entity.type
_entity.pdbx_description
1 polymer 'Tyrosine-protein phosphatase non-receptor type 5'
2 non-polymer '[(~{S})-[4-[3-[(~{S})-(3,4-dichlorophenyl)-oxidanyl-methyl]phenyl]phenyl]-oxidanyl-methyl]phosphonic acid'
3 water water
#
_entity_poly.entity_id   1
_entity_poly.type   'polypeptide(L)'
_entity_poly.pdbx_seq_one_letter_code
;MHHHHHHSSGVDLGTENLYFQSMSRVLQAEELHEKALDPFLLQAEFFEIPMNFVDPKEYDIPGLVRKNRYKTILPNPHSR
VCLTSPDPDDPLSSYINANYIRGYGGEEKVYIATQGPIVSTVADFWRMVWQEHTPIIVMITNIEEMNEKCTEYWPEEQVA
YDGVEITVQKVIHTEDYRLRLISLKSGTEERGLKHYWFTSWPDQKTPDRAPPLLHLVREVEEAAQQEGPHCAPIIVHCSA
GIGRTGCFIATSICCQQLRQEGVVDILKTTCQLRQDRGGMIQT(CSO)EQYQFVHHVMSLYEKQLSHQS
;
_entity_poly.pdbx_strand_id   A
#
# COMPACT_ATOMS: atom_id res chain seq x y z
N ASN A 17 -6.87 -4.91 18.97
CA ASN A 17 -7.83 -5.06 20.06
C ASN A 17 -8.89 -3.93 20.14
N LEU A 18 -8.97 -3.07 19.10
CA LEU A 18 -9.91 -1.94 19.06
C LEU A 18 -11.17 -2.18 18.23
N TYR A 19 -11.02 -2.77 17.02
CA TYR A 19 -12.18 -3.04 16.14
C TYR A 19 -12.46 -4.53 16.05
N PHE A 20 -11.52 -5.37 16.54
CA PHE A 20 -11.64 -6.83 16.64
C PHE A 20 -10.47 -7.40 17.46
N GLN A 21 -10.63 -8.60 17.99
CA GLN A 21 -9.57 -9.21 18.78
C GLN A 21 -8.40 -9.62 17.84
N SER A 22 -7.22 -9.08 18.07
CA SER A 22 -6.04 -9.41 17.28
C SER A 22 -5.60 -10.84 17.57
N MET A 23 -4.96 -11.50 16.58
CA MET A 23 -4.42 -12.88 16.64
C MET A 23 -2.91 -12.80 16.41
N SER A 24 -2.16 -13.83 16.84
CA SER A 24 -0.71 -13.80 16.70
C SER A 24 -0.16 -15.18 16.53
N ARG A 25 0.87 -15.32 15.68
CA ARG A 25 1.63 -16.55 15.50
C ARG A 25 3.07 -16.16 15.18
N VAL A 26 3.88 -16.06 16.24
CA VAL A 26 5.29 -15.64 16.19
C VAL A 26 6.08 -16.80 15.58
N LEU A 27 6.65 -16.59 14.38
CA LEU A 27 7.40 -17.60 13.65
C LEU A 27 8.89 -17.35 13.70
N GLN A 28 9.66 -18.38 14.11
CA GLN A 28 11.13 -18.42 14.05
C GLN A 28 11.40 -19.03 12.66
N ALA A 29 12.66 -18.97 12.18
CA ALA A 29 13.10 -19.42 10.85
C ALA A 29 12.51 -20.75 10.37
N GLU A 30 12.71 -21.87 11.14
CA GLU A 30 12.24 -23.21 10.76
C GLU A 30 10.74 -23.24 10.51
N GLU A 31 9.95 -22.72 11.47
CA GLU A 31 8.51 -22.72 11.32
C GLU A 31 8.11 -21.82 10.16
N LEU A 32 8.80 -20.68 9.96
CA LEU A 32 8.53 -19.77 8.85
C LEU A 32 8.68 -20.49 7.51
N HIS A 33 9.81 -21.19 7.30
CA HIS A 33 10.09 -21.97 6.09
C HIS A 33 9.02 -23.02 5.77
N GLU A 34 8.62 -23.80 6.80
CA GLU A 34 7.63 -24.88 6.71
C GLU A 34 6.22 -24.32 6.52
N LYS A 35 5.86 -23.27 7.28
CA LYS A 35 4.54 -22.61 7.22
C LYS A 35 4.24 -22.11 5.79
N ALA A 36 5.25 -21.52 5.10
CA ALA A 36 5.13 -21.01 3.73
C ALA A 36 4.69 -22.10 2.75
N LEU A 37 5.06 -23.36 3.02
CA LEU A 37 4.77 -24.52 2.18
C LEU A 37 3.63 -25.41 2.71
N ASP A 38 2.81 -24.92 3.66
CA ASP A 38 1.70 -25.72 4.19
C ASP A 38 0.38 -24.97 3.83
N PRO A 39 -0.15 -25.12 2.60
CA PRO A 39 -1.36 -24.36 2.21
C PRO A 39 -2.59 -24.68 3.04
N PHE A 40 -2.70 -25.92 3.56
CA PHE A 40 -3.82 -26.37 4.39
C PHE A 40 -3.85 -25.58 5.71
N LEU A 41 -2.71 -25.46 6.41
CA LEU A 41 -2.64 -24.62 7.61
C LEU A 41 -2.82 -23.14 7.26
N LEU A 42 -2.22 -22.69 6.15
CA LEU A 42 -2.31 -21.29 5.76
C LEU A 42 -3.72 -20.85 5.55
N GLN A 43 -4.53 -21.68 4.85
CA GLN A 43 -5.94 -21.37 4.61
C GLN A 43 -6.77 -21.40 5.91
N ALA A 44 -6.50 -22.36 6.82
CA ALA A 44 -7.22 -22.44 8.10
C ALA A 44 -6.98 -21.13 8.90
N GLU A 45 -5.74 -20.70 8.96
CA GLU A 45 -5.32 -19.49 9.66
C GLU A 45 -5.91 -18.22 8.98
N PHE A 46 -5.69 -18.06 7.66
CA PHE A 46 -6.17 -16.91 6.88
C PHE A 46 -7.68 -16.65 7.00
N PHE A 47 -8.50 -17.70 6.81
CA PHE A 47 -9.95 -17.51 6.82
C PHE A 47 -10.56 -17.35 8.22
N GLU A 48 -9.73 -17.39 9.28
CA GLU A 48 -10.13 -17.09 10.66
C GLU A 48 -9.99 -15.57 10.91
N ILE A 49 -9.26 -14.84 10.03
CA ILE A 49 -9.06 -13.40 10.21
C ILE A 49 -10.28 -12.62 9.67
N PRO A 50 -10.91 -11.74 10.47
CA PRO A 50 -12.05 -10.95 9.94
C PRO A 50 -11.57 -10.02 8.81
N MET A 51 -12.39 -9.86 7.73
CA MET A 51 -12.06 -8.94 6.63
C MET A 51 -12.15 -7.51 7.16
N ASN A 52 -13.07 -7.25 8.12
CA ASN A 52 -13.31 -5.92 8.72
C ASN A 52 -13.72 -4.88 7.64
N PHE A 53 -14.50 -5.35 6.67
CA PHE A 53 -15.05 -4.53 5.61
C PHE A 53 -16.10 -3.58 6.21
N VAL A 54 -16.25 -2.42 5.56
CA VAL A 54 -17.15 -1.35 5.94
C VAL A 54 -18.48 -1.62 5.28
N ASP A 55 -19.59 -1.44 6.00
CA ASP A 55 -20.90 -1.57 5.38
C ASP A 55 -21.02 -0.39 4.39
N PRO A 56 -21.38 -0.62 3.10
CA PRO A 56 -21.50 0.51 2.16
C PRO A 56 -22.44 1.64 2.58
N LYS A 57 -23.50 1.31 3.37
CA LYS A 57 -24.47 2.30 3.86
C LYS A 57 -23.84 3.37 4.77
N GLU A 58 -22.63 3.08 5.31
CA GLU A 58 -21.85 4.03 6.13
C GLU A 58 -21.52 5.29 5.32
N TYR A 59 -21.42 5.13 3.99
CA TYR A 59 -21.14 6.21 3.08
C TYR A 59 -22.30 6.57 2.14
N ASP A 60 -23.37 7.13 2.69
CA ASP A 60 -24.43 7.64 1.82
C ASP A 60 -24.26 9.16 1.68
N ILE A 61 -23.37 9.52 0.74
CA ILE A 61 -23.02 10.90 0.40
C ILE A 61 -23.36 11.03 -1.09
N PRO A 62 -24.19 12.03 -1.48
CA PRO A 62 -24.56 12.15 -2.91
C PRO A 62 -23.33 12.34 -3.80
N GLY A 63 -23.20 11.51 -4.83
CA GLY A 63 -22.05 11.53 -5.75
C GLY A 63 -20.86 10.66 -5.35
N LEU A 64 -20.95 9.96 -4.17
CA LEU A 64 -19.86 9.10 -3.70
C LEU A 64 -19.49 7.96 -4.65
N VAL A 65 -20.48 7.35 -5.31
CA VAL A 65 -20.35 6.23 -6.27
C VAL A 65 -19.24 6.44 -7.30
N ARG A 66 -19.16 7.66 -7.84
CA ARG A 66 -18.20 8.10 -8.85
C ARG A 66 -16.75 8.14 -8.34
N LYS A 67 -16.55 8.13 -7.01
CA LYS A 67 -15.24 8.20 -6.37
C LYS A 67 -14.67 6.81 -6.04
N ASN A 68 -15.48 5.76 -6.23
CA ASN A 68 -15.09 4.41 -5.90
C ASN A 68 -15.00 3.47 -7.06
N ARG A 69 -13.86 2.76 -7.17
CA ARG A 69 -13.65 1.76 -8.22
C ARG A 69 -14.58 0.55 -7.91
N TYR A 70 -14.70 0.18 -6.62
CA TYR A 70 -15.55 -0.92 -6.13
C TYR A 70 -16.47 -0.42 -5.02
N LYS A 71 -17.78 -0.51 -5.23
CA LYS A 71 -18.82 -0.06 -4.29
C LYS A 71 -18.76 -0.72 -2.89
N THR A 72 -18.19 -1.94 -2.79
CA THR A 72 -18.11 -2.66 -1.51
C THR A 72 -16.73 -2.55 -0.82
N ILE A 73 -15.74 -1.90 -1.47
CA ILE A 73 -14.38 -1.75 -0.88
C ILE A 73 -14.23 -0.29 -0.56
N LEU A 74 -14.59 0.07 0.68
CA LEU A 74 -14.65 1.45 1.16
C LEU A 74 -13.69 1.72 2.31
N PRO A 75 -13.24 2.97 2.55
CA PRO A 75 -12.29 3.20 3.67
C PRO A 75 -12.98 3.14 5.03
N ASN A 76 -12.37 2.45 6.01
CA ASN A 76 -12.90 2.38 7.37
C ASN A 76 -12.89 3.82 7.90
N PRO A 77 -14.04 4.32 8.42
CA PRO A 77 -14.13 5.73 8.84
C PRO A 77 -13.07 6.26 9.81
N HIS A 78 -12.70 5.51 10.86
CA HIS A 78 -11.77 5.99 11.88
C HIS A 78 -10.37 6.35 11.34
N SER A 79 -9.93 5.69 10.25
CA SER A 79 -8.57 5.87 9.71
C SER A 79 -8.55 6.47 8.29
N ARG A 80 -9.71 6.88 7.79
CA ARG A 80 -9.91 7.48 6.46
C ARG A 80 -9.06 8.73 6.27
N VAL A 81 -8.47 8.91 5.08
CA VAL A 81 -7.74 10.13 4.77
C VAL A 81 -8.83 11.13 4.31
N CYS A 82 -8.98 12.24 5.02
CA CYS A 82 -9.95 13.27 4.62
C CYS A 82 -9.19 14.36 3.87
N LEU A 83 -9.73 14.80 2.72
CA LEU A 83 -9.09 15.90 1.96
C LEU A 83 -9.56 17.23 2.57
N THR A 84 -8.69 17.89 3.35
CA THR A 84 -9.10 19.11 4.08
C THR A 84 -9.15 20.39 3.23
N SER A 85 -8.67 20.35 1.99
CA SER A 85 -8.75 21.53 1.13
C SER A 85 -9.43 21.13 -0.18
N PRO A 86 -10.33 21.96 -0.76
CA PRO A 86 -10.73 23.31 -0.33
C PRO A 86 -11.95 23.40 0.58
N ASP A 87 -12.58 22.26 0.93
CA ASP A 87 -13.76 22.29 1.80
C ASP A 87 -13.80 21.07 2.73
N PRO A 88 -13.23 21.19 3.98
CA PRO A 88 -13.22 20.03 4.89
C PRO A 88 -14.60 19.60 5.40
N ASP A 89 -15.57 20.52 5.32
CA ASP A 89 -16.95 20.36 5.77
C ASP A 89 -17.87 19.83 4.68
N ASP A 90 -17.33 19.54 3.49
CA ASP A 90 -18.11 19.01 2.39
C ASP A 90 -17.82 17.52 2.26
N PRO A 91 -18.77 16.62 2.63
CA PRO A 91 -18.46 15.18 2.60
C PRO A 91 -17.96 14.64 1.26
N LEU A 92 -18.41 15.19 0.14
CA LEU A 92 -17.91 14.75 -1.17
C LEU A 92 -16.50 15.27 -1.48
N SER A 93 -16.25 16.61 -1.35
CA SER A 93 -14.94 17.22 -1.66
C SER A 93 -13.82 16.61 -0.85
N SER A 94 -14.12 16.24 0.39
CA SER A 94 -13.19 15.70 1.38
C SER A 94 -12.97 14.20 1.24
N TYR A 95 -13.77 13.53 0.40
CA TYR A 95 -13.68 12.09 0.25
C TYR A 95 -12.65 11.61 -0.75
N ILE A 96 -11.87 10.62 -0.30
CA ILE A 96 -10.96 9.80 -1.09
C ILE A 96 -11.01 8.38 -0.51
N ASN A 97 -10.98 7.37 -1.39
CA ASN A 97 -10.95 5.98 -0.95
C ASN A 97 -9.52 5.66 -0.53
N ALA A 98 -9.18 6.01 0.72
CA ALA A 98 -7.84 5.86 1.28
C ALA A 98 -7.86 5.82 2.80
N ASN A 99 -6.92 5.08 3.38
CA ASN A 99 -6.74 4.99 4.83
C ASN A 99 -5.30 5.14 5.23
N TYR A 100 -5.09 5.79 6.39
CA TYR A 100 -3.78 5.86 7.03
C TYR A 100 -3.52 4.43 7.57
N ILE A 101 -2.29 3.94 7.38
CA ILE A 101 -1.91 2.57 7.78
C ILE A 101 -0.75 2.66 8.76
N ARG A 102 -0.89 1.99 9.91
CA ARG A 102 0.18 1.98 10.92
C ARG A 102 1.31 1.10 10.39
N GLY A 103 2.54 1.47 10.71
CA GLY A 103 3.70 0.66 10.34
C GLY A 103 4.16 -0.25 11.46
N TYR A 104 5.43 -0.64 11.40
CA TYR A 104 6.03 -1.55 12.37
C TYR A 104 5.93 -0.93 13.78
N GLY A 105 5.59 -1.76 14.78
CA GLY A 105 5.46 -1.30 16.16
C GLY A 105 4.27 -0.38 16.39
N GLY A 106 3.33 -0.36 15.42
CA GLY A 106 2.14 0.47 15.50
C GLY A 106 2.35 1.94 15.23
N GLU A 107 3.52 2.34 14.67
CA GLU A 107 3.81 3.74 14.35
C GLU A 107 2.72 4.29 13.45
N GLU A 108 2.18 5.44 13.82
CA GLU A 108 1.07 6.03 13.08
C GLU A 108 1.47 6.58 11.72
N LYS A 109 0.57 6.39 10.73
CA LYS A 109 0.63 6.97 9.37
C LYS A 109 1.95 6.73 8.61
N VAL A 110 2.51 5.51 8.70
CA VAL A 110 3.73 5.19 7.93
C VAL A 110 3.34 5.07 6.44
N TYR A 111 2.14 4.55 6.17
CA TYR A 111 1.63 4.40 4.80
C TYR A 111 0.22 4.93 4.71
N ILE A 112 -0.22 5.13 3.49
CA ILE A 112 -1.61 5.37 3.11
C ILE A 112 -1.90 4.30 2.09
N ALA A 113 -2.96 3.51 2.32
CA ALA A 113 -3.35 2.50 1.34
C ALA A 113 -4.55 3.07 0.57
N THR A 114 -4.47 3.04 -0.75
CA THR A 114 -5.53 3.65 -1.55
C THR A 114 -5.77 2.85 -2.82
N GLN A 115 -6.97 3.00 -3.42
CA GLN A 115 -7.27 2.35 -4.70
C GLN A 115 -6.44 3.04 -5.77
N GLY A 116 -6.24 2.35 -6.88
CA GLY A 116 -5.59 2.95 -8.04
C GLY A 116 -6.52 4.06 -8.51
N PRO A 117 -6.02 5.28 -8.81
CA PRO A 117 -6.93 6.35 -9.23
C PRO A 117 -7.75 6.01 -10.47
N ILE A 118 -9.00 6.51 -10.53
CA ILE A 118 -9.85 6.39 -11.71
C ILE A 118 -9.83 7.79 -12.36
N VAL A 119 -10.35 7.93 -13.59
CA VAL A 119 -10.42 9.22 -14.30
C VAL A 119 -11.01 10.34 -13.38
N SER A 120 -12.11 10.05 -12.70
CA SER A 120 -12.74 11.05 -11.83
C SER A 120 -12.02 11.33 -10.49
N THR A 121 -10.97 10.54 -10.12
CA THR A 121 -10.25 10.76 -8.84
C THR A 121 -8.77 11.13 -9.01
N VAL A 122 -8.30 11.38 -10.25
CA VAL A 122 -6.91 11.74 -10.53
C VAL A 122 -6.54 13.02 -9.77
N ALA A 123 -7.39 14.06 -9.86
CA ALA A 123 -7.11 15.31 -9.17
C ALA A 123 -7.18 15.14 -7.63
N ASP A 124 -8.15 14.33 -7.12
CA ASP A 124 -8.26 14.03 -5.68
C ASP A 124 -7.00 13.34 -5.16
N PHE A 125 -6.43 12.43 -5.97
CA PHE A 125 -5.22 11.70 -5.63
C PHE A 125 -4.02 12.66 -5.45
N TRP A 126 -3.84 13.64 -6.37
CA TRP A 126 -2.79 14.66 -6.25
C TRP A 126 -3.05 15.64 -5.11
N ARG A 127 -4.33 15.89 -4.76
CA ARG A 127 -4.69 16.71 -3.59
C ARG A 127 -4.18 15.98 -2.33
N MET A 128 -4.37 14.66 -2.28
CA MET A 128 -3.89 13.84 -1.16
C MET A 128 -2.35 13.83 -1.08
N VAL A 129 -1.63 13.72 -2.22
CA VAL A 129 -0.16 13.69 -2.25
C VAL A 129 0.40 15.02 -1.63
N TRP A 130 -0.22 16.15 -2.01
CA TRP A 130 0.21 17.48 -1.56
C TRP A 130 -0.10 17.70 -0.08
N GLN A 131 -1.36 17.43 0.33
CA GLN A 131 -1.79 17.52 1.73
C GLN A 131 -0.85 16.72 2.65
N GLU A 132 -0.50 15.52 2.25
CA GLU A 132 0.26 14.60 3.09
C GLU A 132 1.76 14.73 2.99
N HIS A 133 2.29 15.53 2.04
CA HIS A 133 3.75 15.68 1.84
C HIS A 133 4.37 14.32 1.45
N THR A 134 3.56 13.43 0.83
CA THR A 134 4.00 12.07 0.43
C THR A 134 5.28 12.11 -0.41
N PRO A 135 6.39 11.50 0.07
CA PRO A 135 7.64 11.52 -0.71
C PRO A 135 7.77 10.36 -1.69
N ILE A 136 6.98 9.28 -1.49
CA ILE A 136 7.06 8.03 -2.25
C ILE A 136 5.68 7.45 -2.53
N ILE A 137 5.47 6.98 -3.77
CA ILE A 137 4.26 6.26 -4.19
C ILE A 137 4.76 4.91 -4.66
N VAL A 138 4.07 3.83 -4.25
CA VAL A 138 4.32 2.46 -4.68
C VAL A 138 3.05 2.05 -5.43
N MET A 139 3.17 1.79 -6.73
CA MET A 139 2.05 1.42 -7.60
C MET A 139 2.27 -0.05 -8.02
N ILE A 140 1.32 -0.92 -7.67
CA ILE A 140 1.40 -2.35 -7.97
C ILE A 140 0.33 -2.75 -9.02
N THR A 141 0.62 -2.42 -10.25
CA THR A 141 -0.24 -2.64 -11.41
C THR A 141 0.66 -3.06 -12.53
N ASN A 142 0.35 -4.19 -13.19
CA ASN A 142 1.16 -4.62 -14.33
C ASN A 142 0.79 -3.76 -15.56
N ILE A 143 1.66 -3.72 -16.60
CA ILE A 143 1.44 -2.91 -17.80
C ILE A 143 0.12 -3.27 -18.53
N GLU A 144 -0.16 -4.59 -18.72
CA GLU A 144 -1.37 -5.05 -19.41
C GLU A 144 -2.67 -4.85 -18.59
N GLU A 145 -2.56 -4.33 -17.35
CA GLU A 145 -3.69 -4.01 -16.46
C GLU A 145 -4.07 -2.53 -16.48
N MET A 146 -3.25 -1.69 -17.16
CA MET A 146 -3.43 -0.24 -17.22
C MET A 146 -4.79 0.24 -17.76
N ASN A 147 -5.64 -0.71 -18.19
CA ASN A 147 -7.00 -0.41 -18.63
C ASN A 147 -7.87 -0.09 -17.40
N GLU A 148 -8.47 -1.14 -16.79
CA GLU A 148 -9.42 -1.01 -15.70
C GLU A 148 -8.87 -1.18 -14.28
N LYS A 149 -7.54 -1.17 -14.07
CA LYS A 149 -7.03 -1.34 -12.70
C LYS A 149 -6.34 -0.09 -12.15
N CYS A 150 -5.94 0.83 -13.05
CA CYS A 150 -5.32 2.13 -12.73
C CYS A 150 -5.36 3.02 -13.97
N THR A 151 -5.67 4.29 -13.76
CA THR A 151 -5.65 5.27 -14.86
C THR A 151 -4.22 5.86 -14.81
N GLU A 152 -3.67 6.26 -15.96
CA GLU A 152 -2.36 6.90 -16.02
C GLU A 152 -2.57 8.31 -15.47
N TYR A 153 -2.32 8.48 -14.17
CA TYR A 153 -2.58 9.72 -13.43
C TYR A 153 -1.40 10.69 -13.42
N TRP A 154 -0.23 10.24 -13.88
CA TRP A 154 0.94 11.09 -13.99
C TRP A 154 1.09 11.56 -15.44
N PRO A 155 1.73 12.74 -15.69
CA PRO A 155 1.91 13.19 -17.08
C PRO A 155 3.14 12.59 -17.78
N GLU A 156 3.21 12.78 -19.12
CA GLU A 156 4.37 12.36 -19.93
C GLU A 156 5.56 13.27 -19.57
N GLU A 157 5.28 14.57 -19.39
CA GLU A 157 6.28 15.54 -18.99
C GLU A 157 5.80 16.42 -17.83
N GLN A 158 4.66 17.11 -18.01
CA GLN A 158 4.14 18.07 -17.03
C GLN A 158 2.63 18.23 -17.12
N VAL A 159 2.01 18.52 -15.98
CA VAL A 159 0.57 18.75 -15.81
C VAL A 159 0.36 19.53 -14.50
N ALA A 160 -0.71 20.34 -14.44
CA ALA A 160 -1.07 21.09 -13.24
C ALA A 160 -2.44 20.67 -12.78
N TYR A 161 -2.57 20.37 -11.49
CA TYR A 161 -3.83 19.97 -10.86
C TYR A 161 -3.93 20.80 -9.61
N ASP A 162 -4.96 21.68 -9.53
CA ASP A 162 -5.24 22.51 -8.35
C ASP A 162 -4.00 23.29 -7.85
N GLY A 163 -3.46 24.13 -8.74
CA GLY A 163 -2.31 24.99 -8.50
C GLY A 163 -0.97 24.32 -8.26
N VAL A 164 -0.91 22.98 -8.43
CA VAL A 164 0.32 22.21 -8.22
C VAL A 164 0.86 21.65 -9.54
N GLU A 165 2.05 22.12 -9.94
CA GLU A 165 2.75 21.69 -11.14
C GLU A 165 3.48 20.38 -10.86
N ILE A 166 3.07 19.31 -11.55
CA ILE A 166 3.62 17.96 -11.41
C ILE A 166 4.52 17.75 -12.62
N THR A 167 5.82 17.52 -12.40
CA THR A 167 6.75 17.37 -13.50
C THR A 167 7.51 16.06 -13.41
N VAL A 168 7.36 15.21 -14.43
CA VAL A 168 8.14 13.96 -14.48
C VAL A 168 9.55 14.33 -14.99
N GLN A 169 10.51 14.39 -14.07
CA GLN A 169 11.88 14.80 -14.36
C GLN A 169 12.75 13.68 -14.92
N LYS A 170 12.44 12.41 -14.58
CA LYS A 170 13.27 11.30 -15.06
C LYS A 170 12.53 9.99 -14.92
N VAL A 171 12.67 9.10 -15.91
CA VAL A 171 12.10 7.75 -15.89
C VAL A 171 13.30 6.79 -15.82
N ILE A 172 13.40 6.03 -14.71
CA ILE A 172 14.44 5.03 -14.50
C ILE A 172 13.83 3.65 -14.68
N HIS A 173 14.18 3.02 -15.81
CA HIS A 173 13.71 1.71 -16.21
C HIS A 173 14.61 0.61 -15.62
N THR A 174 14.05 -0.22 -14.71
CA THR A 174 14.70 -1.39 -14.11
C THR A 174 13.86 -2.63 -14.46
N GLU A 175 14.42 -3.82 -14.25
CA GLU A 175 13.83 -5.12 -14.56
C GLU A 175 12.39 -5.30 -14.04
N ASP A 176 12.17 -4.98 -12.76
CA ASP A 176 10.92 -5.19 -12.04
C ASP A 176 10.09 -3.94 -11.76
N TYR A 177 10.69 -2.74 -11.88
CA TYR A 177 9.95 -1.49 -11.64
C TYR A 177 10.45 -0.31 -12.47
N ARG A 178 9.56 0.68 -12.66
CA ARG A 178 9.84 1.93 -13.32
C ARG A 178 9.83 3.00 -12.23
N LEU A 179 10.97 3.66 -12.00
CA LEU A 179 11.07 4.73 -11.03
C LEU A 179 10.96 6.11 -11.70
N ARG A 180 9.93 6.88 -11.34
CA ARG A 180 9.77 8.25 -11.83
C ARG A 180 10.18 9.23 -10.76
N LEU A 181 11.06 10.16 -11.12
CA LEU A 181 11.51 11.23 -10.22
C LEU A 181 10.65 12.41 -10.59
N ILE A 182 9.74 12.75 -9.69
CA ILE A 182 8.73 13.77 -9.92
C ILE A 182 8.96 15.01 -9.08
N SER A 183 8.71 16.18 -9.70
CA SER A 183 8.79 17.47 -9.03
C SER A 183 7.39 18.00 -8.81
N LEU A 184 7.12 18.52 -7.60
CA LEU A 184 5.83 19.12 -7.30
C LEU A 184 6.04 20.58 -6.90
N LYS A 185 5.44 21.51 -7.63
CA LYS A 185 5.61 22.93 -7.32
C LYS A 185 4.28 23.66 -7.17
N SER A 186 4.17 24.48 -6.13
CA SER A 186 3.02 25.35 -5.88
C SER A 186 3.53 26.62 -5.23
N GLY A 187 3.40 27.74 -5.95
CA GLY A 187 3.87 29.05 -5.52
C GLY A 187 5.38 29.06 -5.40
N THR A 188 5.88 29.11 -4.16
CA THR A 188 7.32 29.16 -3.89
C THR A 188 7.88 27.82 -3.36
N GLU A 189 7.02 26.90 -2.88
CA GLU A 189 7.52 25.61 -2.39
C GLU A 189 7.53 24.53 -3.46
N GLU A 190 8.66 23.81 -3.53
CA GLU A 190 8.95 22.71 -4.44
C GLU A 190 9.28 21.45 -3.62
N ARG A 191 8.71 20.29 -4.02
CA ARG A 191 8.96 19.01 -3.35
C ARG A 191 9.35 17.90 -4.32
N GLY A 192 10.09 16.94 -3.81
CA GLY A 192 10.48 15.77 -4.56
C GLY A 192 9.54 14.64 -4.30
N LEU A 193 9.39 13.75 -5.29
CA LEU A 193 8.56 12.57 -5.19
C LEU A 193 9.14 11.43 -6.01
N LYS A 194 9.15 10.23 -5.43
CA LYS A 194 9.61 8.99 -6.06
C LYS A 194 8.38 8.13 -6.33
N HIS A 195 8.15 7.76 -7.59
CA HIS A 195 7.00 6.95 -8.01
C HIS A 195 7.52 5.59 -8.49
N TYR A 196 7.29 4.56 -7.69
CA TYR A 196 7.72 3.20 -8.01
C TYR A 196 6.57 2.43 -8.66
N TRP A 197 6.66 2.20 -9.98
CA TRP A 197 5.65 1.45 -10.72
C TRP A 197 6.18 0.03 -10.88
N PHE A 198 5.70 -0.89 -10.01
CA PHE A 198 6.10 -2.29 -10.02
C PHE A 198 5.27 -3.02 -11.09
N THR A 199 5.98 -3.78 -11.96
CA THR A 199 5.35 -4.45 -13.10
C THR A 199 5.57 -5.96 -13.10
N SER A 200 5.95 -6.53 -11.94
CA SER A 200 6.22 -7.96 -11.87
C SER A 200 5.31 -8.65 -10.87
N TRP A 201 4.01 -8.25 -10.83
CA TRP A 201 3.09 -8.89 -9.90
C TRP A 201 2.59 -10.22 -10.51
N PRO A 202 2.83 -11.34 -9.81
CA PRO A 202 2.47 -12.64 -10.42
C PRO A 202 1.05 -13.11 -10.20
N ASP A 203 0.51 -13.80 -11.21
CA ASP A 203 -0.80 -14.43 -11.18
C ASP A 203 -0.67 -15.74 -10.38
N GLN A 204 0.44 -16.48 -10.58
CA GLN A 204 0.76 -17.71 -9.85
C GLN A 204 1.85 -17.33 -8.85
N LYS A 205 1.50 -17.28 -7.57
CA LYS A 205 2.34 -16.82 -6.47
C LYS A 205 3.24 -17.89 -5.86
N THR A 206 4.01 -18.54 -6.73
CA THR A 206 4.95 -19.60 -6.39
C THR A 206 6.20 -18.98 -5.73
N PRO A 207 7.05 -19.78 -5.00
CA PRO A 207 8.24 -19.18 -4.37
C PRO A 207 9.20 -18.47 -5.34
N ASP A 208 9.31 -18.94 -6.61
CA ASP A 208 10.21 -18.35 -7.59
C ASP A 208 9.82 -16.92 -8.03
N ARG A 209 8.60 -16.48 -7.72
CA ARG A 209 8.11 -15.14 -8.07
C ARG A 209 8.27 -14.11 -6.94
N ALA A 210 8.77 -14.57 -5.77
CA ALA A 210 8.99 -13.73 -4.58
C ALA A 210 10.16 -12.71 -4.68
N PRO A 211 11.33 -13.00 -5.33
CA PRO A 211 12.44 -12.03 -5.33
C PRO A 211 12.12 -10.62 -5.84
N PRO A 212 11.41 -10.37 -6.98
CA PRO A 212 11.15 -8.97 -7.38
C PRO A 212 10.38 -8.15 -6.33
N LEU A 213 9.40 -8.76 -5.64
CA LEU A 213 8.63 -8.07 -4.62
C LEU A 213 9.52 -7.76 -3.43
N LEU A 214 10.33 -8.76 -3.01
CA LEU A 214 11.28 -8.54 -1.93
C LEU A 214 12.25 -7.37 -2.30
N HIS A 215 12.82 -7.33 -3.55
CA HIS A 215 13.71 -6.25 -4.03
CA HIS A 215 13.72 -6.25 -3.95
C HIS A 215 13.01 -4.88 -3.91
N LEU A 216 11.74 -4.82 -4.33
CA LEU A 216 10.95 -3.59 -4.29
C LEU A 216 10.78 -3.09 -2.84
N VAL A 217 10.41 -3.99 -1.92
CA VAL A 217 10.23 -3.71 -0.50
C VAL A 217 11.52 -3.10 0.09
N ARG A 218 12.67 -3.76 -0.17
CA ARG A 218 13.99 -3.31 0.32
C ARG A 218 14.36 -1.95 -0.20
N GLU A 219 14.19 -1.72 -1.52
CA GLU A 219 14.47 -0.43 -2.19
C GLU A 219 13.64 0.71 -1.61
N VAL A 220 12.33 0.48 -1.45
CA VAL A 220 11.41 1.47 -0.91
C VAL A 220 11.72 1.80 0.58
N GLU A 221 12.02 0.79 1.41
CA GLU A 221 12.29 1.11 2.82
C GLU A 221 13.60 1.90 2.99
N GLU A 222 14.57 1.68 2.09
CA GLU A 222 15.85 2.39 2.06
C GLU A 222 15.63 3.82 1.61
N ALA A 223 14.78 4.03 0.58
CA ALA A 223 14.42 5.36 0.11
C ALA A 223 13.61 6.09 1.22
N ALA A 224 12.73 5.36 1.94
CA ALA A 224 11.97 5.92 3.07
C ALA A 224 12.91 6.44 4.16
N GLN A 225 13.95 5.63 4.51
CA GLN A 225 14.97 6.01 5.50
C GLN A 225 15.71 7.26 5.10
N GLN A 226 16.00 7.41 3.79
CA GLN A 226 16.70 8.56 3.24
C GLN A 226 15.92 9.87 3.33
N GLU A 227 14.60 9.80 3.58
CA GLU A 227 13.79 11.02 3.78
C GLU A 227 14.07 11.65 5.15
N GLY A 228 14.76 10.91 6.01
CA GLY A 228 15.14 11.43 7.30
C GLY A 228 14.06 11.35 8.35
N PRO A 229 14.23 12.02 9.51
CA PRO A 229 13.24 11.92 10.60
C PRO A 229 11.81 12.25 10.23
N HIS A 230 10.88 11.51 10.86
CA HIS A 230 9.43 11.62 10.70
C HIS A 230 8.99 11.65 9.24
N CYS A 231 9.34 10.59 8.49
CA CYS A 231 8.96 10.44 7.09
C CYS A 231 7.44 10.59 6.96
N ALA A 232 7.00 11.39 5.97
CA ALA A 232 5.60 11.62 5.66
C ALA A 232 4.98 10.29 5.12
N PRO A 233 3.65 10.09 5.10
CA PRO A 233 3.10 8.78 4.64
C PRO A 233 3.52 8.37 3.22
N ILE A 234 3.78 7.09 3.04
CA ILE A 234 4.15 6.50 1.75
C ILE A 234 2.84 6.00 1.17
N ILE A 235 2.46 6.50 -0.02
CA ILE A 235 1.22 6.03 -0.65
C ILE A 235 1.49 4.71 -1.35
N VAL A 236 0.62 3.71 -1.10
CA VAL A 236 0.73 2.40 -1.76
C VAL A 236 -0.64 2.15 -2.39
N HIS A 237 -0.67 1.73 -3.68
CA HIS A 237 -1.92 1.43 -4.35
C HIS A 237 -1.81 0.28 -5.36
N CYS A 238 -2.93 -0.41 -5.53
CA CYS A 238 -3.23 -1.45 -6.50
C CYS A 238 -4.72 -1.20 -6.83
N SER A 239 -5.36 -2.03 -7.68
CA SER A 239 -6.77 -1.82 -8.08
C SER A 239 -7.70 -1.29 -6.96
N ALA A 240 -8.01 -2.12 -5.96
CA ALA A 240 -8.89 -1.76 -4.83
C ALA A 240 -8.14 -1.17 -3.63
N GLY A 241 -6.80 -1.22 -3.68
CA GLY A 241 -5.92 -0.77 -2.60
C GLY A 241 -5.95 -1.62 -1.35
N ILE A 242 -6.14 -2.96 -1.51
CA ILE A 242 -6.17 -3.89 -0.36
C ILE A 242 -5.35 -5.19 -0.58
N GLY A 243 -5.44 -5.83 -1.74
CA GLY A 243 -4.80 -7.10 -2.02
C GLY A 243 -3.28 -7.05 -2.10
N ARG A 244 -2.78 -6.56 -3.21
CA ARG A 244 -1.35 -6.41 -3.46
C ARG A 244 -0.79 -5.36 -2.50
N THR A 245 -1.59 -4.28 -2.23
CA THR A 245 -1.21 -3.21 -1.29
C THR A 245 -0.96 -3.80 0.09
N GLY A 246 -1.88 -4.65 0.55
CA GLY A 246 -1.76 -5.36 1.82
C GLY A 246 -0.49 -6.18 1.91
N CYS A 247 -0.17 -6.94 0.83
CA CYS A 247 1.07 -7.77 0.75
C CYS A 247 2.31 -6.93 0.87
N PHE A 248 2.38 -5.83 0.09
CA PHE A 248 3.52 -4.93 0.09
C PHE A 248 3.79 -4.39 1.49
N ILE A 249 2.75 -3.86 2.15
CA ILE A 249 2.87 -3.26 3.48
C ILE A 249 3.16 -4.31 4.53
N ALA A 250 2.45 -5.48 4.51
CA ALA A 250 2.76 -6.54 5.49
C ALA A 250 4.21 -7.00 5.36
N THR A 251 4.70 -7.21 4.13
CA THR A 251 6.11 -7.61 3.87
C THR A 251 7.07 -6.56 4.42
N SER A 252 6.78 -5.27 4.15
CA SER A 252 7.59 -4.14 4.62
C SER A 252 7.68 -4.15 6.15
N ILE A 253 6.54 -4.33 6.83
CA ILE A 253 6.53 -4.37 8.30
C ILE A 253 7.30 -5.60 8.82
N CYS A 254 7.03 -6.77 8.24
CA CYS A 254 7.69 -7.99 8.71
C CYS A 254 9.19 -8.00 8.47
N CYS A 255 9.71 -7.28 7.45
CA CYS A 255 11.17 -7.23 7.20
C CYS A 255 11.82 -6.48 8.35
N GLN A 256 11.16 -5.38 8.81
CA GLN A 256 11.68 -4.64 9.95
C GLN A 256 11.58 -5.48 11.21
N GLN A 257 10.44 -6.22 11.40
CA GLN A 257 10.28 -7.13 12.56
C GLN A 257 11.36 -8.21 12.57
N LEU A 258 11.61 -8.84 11.43
CA LEU A 258 12.67 -9.86 11.38
C LEU A 258 14.04 -9.26 11.73
N ARG A 259 14.38 -8.07 11.19
CA ARG A 259 15.69 -7.48 11.51
C ARG A 259 15.81 -7.10 12.98
N GLN A 260 14.73 -6.53 13.58
CA GLN A 260 14.72 -6.10 14.98
C GLN A 260 14.56 -7.23 16.02
N GLU A 261 13.60 -8.14 15.80
CA GLU A 261 13.22 -9.19 16.74
C GLU A 261 13.72 -10.61 16.44
N GLY A 262 14.23 -10.85 15.23
CA GLY A 262 14.68 -12.20 14.85
C GLY A 262 13.51 -13.17 14.61
N VAL A 263 12.27 -12.65 14.52
CA VAL A 263 11.05 -13.47 14.30
C VAL A 263 10.13 -12.72 13.35
N VAL A 264 9.10 -13.40 12.82
CA VAL A 264 8.07 -12.78 11.99
C VAL A 264 6.69 -13.16 12.50
N ASP A 265 5.77 -12.19 12.56
CA ASP A 265 4.39 -12.47 12.93
C ASP A 265 3.50 -11.93 11.85
N ILE A 266 3.35 -12.73 10.77
CA ILE A 266 2.52 -12.34 9.61
C ILE A 266 1.07 -12.25 10.01
N LEU A 267 0.66 -13.16 10.92
CA LEU A 267 -0.71 -13.21 11.41
C LEU A 267 -1.06 -11.91 12.15
N LYS A 268 -0.27 -11.53 13.16
CA LYS A 268 -0.53 -10.27 13.90
C LYS A 268 -0.44 -9.06 12.98
N THR A 269 0.53 -9.03 12.05
CA THR A 269 0.68 -7.92 11.08
C THR A 269 -0.57 -7.77 10.21
N THR A 270 -1.11 -8.90 9.70
CA THR A 270 -2.35 -8.90 8.90
C THR A 270 -3.53 -8.33 9.70
N CYS A 271 -3.66 -8.71 10.98
CA CYS A 271 -4.72 -8.22 11.90
C CYS A 271 -4.58 -6.75 12.06
N GLN A 272 -3.35 -6.24 12.34
CA GLN A 272 -3.11 -4.80 12.48
C GLN A 272 -3.54 -4.05 11.19
N LEU A 273 -3.20 -4.60 9.99
CA LEU A 273 -3.57 -3.97 8.70
C LEU A 273 -5.07 -3.86 8.53
N ARG A 274 -5.80 -4.95 8.85
CA ARG A 274 -7.25 -5.09 8.73
C ARG A 274 -7.97 -4.08 9.62
N GLN A 275 -7.41 -3.79 10.80
CA GLN A 275 -7.93 -2.77 11.73
C GLN A 275 -7.91 -1.38 11.08
N ASP A 276 -6.89 -1.13 10.25
CA ASP A 276 -6.70 0.14 9.56
C ASP A 276 -7.51 0.21 8.27
N ARG A 277 -7.57 -0.88 7.50
CA ARG A 277 -8.31 -0.91 6.23
C ARG A 277 -8.83 -2.32 6.00
N GLY A 278 -10.17 -2.44 5.86
CA GLY A 278 -10.79 -3.72 5.64
C GLY A 278 -10.29 -4.43 4.41
N GLY A 279 -10.02 -5.74 4.53
CA GLY A 279 -9.60 -6.59 3.42
C GLY A 279 -8.14 -6.59 3.02
N MET A 280 -7.26 -5.92 3.77
CA MET A 280 -5.82 -5.90 3.46
C MET A 280 -5.27 -7.35 3.44
N ILE A 281 -4.69 -7.78 2.27
CA ILE A 281 -4.27 -9.14 1.92
C ILE A 281 -5.62 -9.82 1.68
N GLN A 282 -6.10 -9.66 0.46
CA GLN A 282 -7.45 -10.09 0.11
C GLN A 282 -7.59 -11.59 -0.12
N THR A 283 -6.54 -12.29 -0.58
CA THR A 283 -6.68 -13.72 -0.87
C THR A 283 -5.74 -14.59 -0.08
N GLU A 285 -3.95 -16.92 -1.49
CA GLU A 285 -2.75 -17.02 -2.32
C GLU A 285 -1.80 -15.85 -2.06
N GLN A 286 -2.37 -14.65 -1.78
CA GLN A 286 -1.59 -13.46 -1.39
C GLN A 286 -0.97 -13.70 -0.01
N TYR A 287 -1.74 -14.25 0.93
CA TYR A 287 -1.26 -14.59 2.29
C TYR A 287 -0.06 -15.54 2.25
N GLN A 288 -0.14 -16.62 1.44
CA GLN A 288 0.93 -17.58 1.27
C GLN A 288 2.13 -16.88 0.62
N PHE A 289 1.90 -16.02 -0.39
CA PHE A 289 2.98 -15.28 -1.09
C PHE A 289 3.80 -14.49 -0.08
N VAL A 290 3.14 -13.82 0.89
CA VAL A 290 3.82 -13.05 1.95
C VAL A 290 4.76 -13.96 2.76
N HIS A 291 4.30 -15.19 3.08
CA HIS A 291 5.11 -16.22 3.74
C HIS A 291 6.31 -16.64 2.84
N HIS A 292 6.09 -16.79 1.51
CA HIS A 292 7.19 -17.13 0.57
C HIS A 292 8.26 -16.03 0.57
N VAL A 293 7.81 -14.75 0.51
CA VAL A 293 8.67 -13.56 0.52
C VAL A 293 9.47 -13.48 1.84
N MET A 294 8.78 -13.65 2.99
CA MET A 294 9.44 -13.58 4.31
C MET A 294 10.39 -14.73 4.57
N SER A 295 10.04 -15.94 4.09
CA SER A 295 10.90 -17.13 4.19
C SER A 295 12.16 -16.86 3.36
N LEU A 296 12.01 -16.27 2.14
CA LEU A 296 13.13 -15.95 1.27
C LEU A 296 14.06 -14.93 1.94
N TYR A 297 13.49 -13.86 2.50
CA TYR A 297 14.25 -12.81 3.18
C TYR A 297 15.06 -13.36 4.37
N GLU A 298 14.43 -14.24 5.16
CA GLU A 298 15.07 -14.88 6.31
C GLU A 298 16.33 -15.64 5.83
N LYS A 299 16.22 -16.39 4.71
CA LYS A 299 17.39 -17.11 4.16
C LYS A 299 18.47 -16.11 3.73
N GLN A 300 18.08 -14.99 3.09
CA GLN A 300 19.06 -13.96 2.66
C GLN A 300 19.77 -13.30 3.85
N LEU A 301 19.03 -12.96 4.93
CA LEU A 301 19.60 -12.37 6.15
C LEU A 301 20.58 -13.29 6.85
N SER A 302 20.25 -14.60 6.91
CA SER A 302 21.03 -15.67 7.54
C SER A 302 22.48 -15.77 7.02
N HIS A 303 22.78 -15.16 5.86
CA HIS A 303 24.14 -15.16 5.28
C HIS A 303 25.00 -13.98 5.76
#